data_6SZG
#
_entry.id   6SZG
#
_cell.length_a   119.800
_cell.length_b   63.630
_cell.length_c   71.430
_cell.angle_alpha   90.000
_cell.angle_beta   92.840
_cell.angle_gamma   90.000
#
_symmetry.space_group_name_H-M   'C 1 2 1'
#
loop_
_entity.id
_entity.type
_entity.pdbx_description
1 polymer 'Ditrans,polycis-undecaprenyl-diphosphate synthase ((2E,6E)-farnesyl-diphosphate specific)'
2 non-polymer '4,5,6,7-tetrahydro-2~{H}-indazole-3-carboxylic acid'
3 non-polymer (4-chlorophenyl)-[(3~{S})-3-oxidanylpiperidin-1-yl]methanone
4 non-polymer 'CALCIUM ION'
5 water water
#
_entity_poly.entity_id   1
_entity_poly.type   'polypeptide(L)'
_entity_poly.pdbx_seq_one_letter_code
;MGSSHHHHHHSSGLVPRGSHMTDSEEYHLPQHVAIIMDGNNRFAKKNQMQKGDGHREGKNVLDPIVEHCVKTGVRALTVF
AFSSENWNRPQYEVDLLMKLLEETIHEQIPRMKKFNIALRFIGDRSRLPSHLVALMEDAEQQTAHHDAMTLTIAVSYGGM
WDIANAAKQVAQAVSRGEIDADQINVDLFEKYVSLNDLPAVDLLIRTGGDFRISNFLLWQAAYAELYFTDTLWPEFTVEE
FDHALNVFSGRERRFGKTSEQIQQEKIEKL
;
_entity_poly.pdbx_strand_id   A,B
#
loop_
_chem_comp.id
_chem_comp.type
_chem_comp.name
_chem_comp.formula
CA non-polymer 'CALCIUM ION' 'Ca 2'
M2E non-polymer (4-chlorophenyl)-[(3~{S})-3-oxidanylpiperidin-1-yl]methanone 'C12 H14 Cl N O2'
M2K non-polymer '4,5,6,7-tetrahydro-2~{H}-indazole-3-carboxylic acid' 'C8 H10 N2 O2'
#
# COMPACT_ATOMS: atom_id res chain seq x y z
N HIS A 28 -4.27 24.54 2.81
CA HIS A 28 -3.17 23.81 2.18
C HIS A 28 -3.66 22.77 1.16
N LEU A 29 -3.08 22.85 -0.04
CA LEU A 29 -3.38 22.01 -1.19
C LEU A 29 -2.49 20.77 -1.20
N PRO A 30 -3.01 19.58 -1.61
CA PRO A 30 -2.13 18.39 -1.71
C PRO A 30 -1.09 18.59 -2.80
N GLN A 31 0.15 18.13 -2.58
CA GLN A 31 1.22 18.26 -3.58
C GLN A 31 1.07 17.19 -4.66
N HIS A 32 0.71 15.96 -4.27
CA HIS A 32 0.63 14.82 -5.18
C HIS A 32 -0.64 14.00 -4.93
N VAL A 33 -1.60 14.11 -5.85
CA VAL A 33 -2.87 13.38 -5.79
C VAL A 33 -2.79 12.10 -6.66
N ALA A 34 -3.27 10.97 -6.12
CA ALA A 34 -3.33 9.71 -6.86
C ALA A 34 -4.79 9.25 -6.93
N ILE A 35 -5.19 8.65 -8.04
CA ILE A 35 -6.57 8.19 -8.18
C ILE A 35 -6.67 6.74 -8.66
N ILE A 36 -7.49 5.95 -7.95
CA ILE A 36 -7.91 4.60 -8.34
C ILE A 36 -9.32 4.89 -8.90
N MET A 37 -9.44 4.81 -10.23
CA MET A 37 -10.61 5.15 -11.03
C MET A 37 -11.57 3.97 -11.18
N ASP A 38 -12.00 3.38 -10.06
CA ASP A 38 -12.86 2.20 -10.09
C ASP A 38 -14.35 2.47 -10.29
N GLY A 39 -15.05 1.47 -10.79
CA GLY A 39 -16.49 1.51 -11.01
C GLY A 39 -16.97 1.59 -12.44
N ASN A 40 -16.08 1.37 -13.44
CA ASN A 40 -16.49 1.44 -14.87
C ASN A 40 -17.48 0.33 -15.23
N ASN A 41 -17.14 -0.93 -14.90
CA ASN A 41 -17.98 -2.08 -15.20
C ASN A 41 -19.32 -2.04 -14.46
N ARG A 42 -19.31 -1.66 -13.17
CA ARG A 42 -20.52 -1.49 -12.35
C ARG A 42 -21.46 -0.45 -13.01
N PHE A 43 -20.91 0.68 -13.52
CA PHE A 43 -21.64 1.75 -14.21
C PHE A 43 -22.35 1.22 -15.46
N ALA A 44 -21.63 0.39 -16.26
CA ALA A 44 -22.13 -0.24 -17.47
C ALA A 44 -23.30 -1.19 -17.16
N LYS A 45 -23.20 -1.95 -16.06
CA LYS A 45 -24.24 -2.88 -15.59
C LYS A 45 -25.47 -2.11 -15.07
N LYS A 46 -25.22 -1.04 -14.26
CA LYS A 46 -26.25 -0.18 -13.64
C LYS A 46 -27.09 0.55 -14.69
N ASN A 47 -26.45 1.10 -15.73
CA ASN A 47 -27.10 1.85 -16.79
C ASN A 47 -27.47 0.98 -18.03
N GLN A 48 -27.43 -0.37 -17.87
CA GLN A 48 -27.76 -1.41 -18.87
C GLN A 48 -27.07 -1.17 -20.24
N MET A 49 -25.77 -0.84 -20.18
CA MET A 49 -24.92 -0.55 -21.34
C MET A 49 -24.29 -1.83 -21.86
N GLN A 50 -23.69 -1.77 -23.06
CA GLN A 50 -23.01 -2.92 -23.67
C GLN A 50 -21.66 -3.19 -22.98
N LYS A 51 -21.12 -4.40 -23.18
CA LYS A 51 -19.85 -4.90 -22.66
C LYS A 51 -18.68 -3.95 -23.02
N GLY A 52 -18.06 -3.34 -22.00
CA GLY A 52 -16.94 -2.42 -22.16
C GLY A 52 -17.26 -0.94 -22.24
N ASP A 53 -18.57 -0.57 -22.27
CA ASP A 53 -19.01 0.83 -22.37
C ASP A 53 -18.65 1.69 -21.16
N GLY A 54 -18.47 1.05 -19.98
CA GLY A 54 -18.06 1.74 -18.76
C GLY A 54 -16.68 2.35 -18.91
N HIS A 55 -15.76 1.60 -19.57
CA HIS A 55 -14.40 2.03 -19.89
C HIS A 55 -14.41 3.13 -20.93
N ARG A 56 -15.35 3.03 -21.90
CA ARG A 56 -15.56 4.02 -22.97
C ARG A 56 -16.05 5.35 -22.40
N GLU A 57 -17.07 5.35 -21.52
CA GLU A 57 -17.55 6.58 -20.89
C GLU A 57 -16.50 7.12 -19.91
N GLY A 58 -15.95 6.22 -19.08
CA GLY A 58 -14.93 6.54 -18.07
C GLY A 58 -13.72 7.29 -18.56
N LYS A 59 -13.25 6.98 -19.79
CA LYS A 59 -12.05 7.59 -20.43
C LYS A 59 -12.05 9.13 -20.50
N ASN A 60 -13.23 9.77 -20.47
CA ASN A 60 -13.41 11.20 -20.63
C ASN A 60 -13.41 12.01 -19.32
N VAL A 61 -13.67 11.32 -18.19
CA VAL A 61 -13.80 11.89 -16.84
C VAL A 61 -12.56 12.64 -16.37
N LEU A 62 -11.37 12.13 -16.71
CA LEU A 62 -10.12 12.72 -16.22
C LEU A 62 -9.77 14.11 -16.76
N ASP A 63 -10.13 14.40 -18.02
CA ASP A 63 -9.83 15.70 -18.67
C ASP A 63 -10.19 16.93 -17.80
N PRO A 64 -11.44 17.11 -17.31
CA PRO A 64 -11.72 18.27 -16.43
C PRO A 64 -10.95 18.24 -15.10
N ILE A 65 -10.62 17.02 -14.58
CA ILE A 65 -9.85 16.82 -13.34
C ILE A 65 -8.44 17.30 -13.54
N VAL A 66 -7.81 16.90 -14.68
CA VAL A 66 -6.44 17.28 -15.05
C VAL A 66 -6.35 18.83 -15.16
N GLU A 67 -7.32 19.43 -15.85
CA GLU A 67 -7.41 20.89 -16.03
C GLU A 67 -7.64 21.57 -14.67
N HIS A 68 -8.49 20.99 -13.81
CA HIS A 68 -8.73 21.52 -12.45
C HIS A 68 -7.43 21.51 -11.65
N CYS A 69 -6.65 20.40 -11.71
CA CYS A 69 -5.35 20.29 -11.01
C CYS A 69 -4.36 21.38 -11.42
N VAL A 70 -4.22 21.63 -12.73
N VAL A 70 -4.21 21.61 -12.75
CA VAL A 70 -3.32 22.64 -13.29
CA VAL A 70 -3.26 22.59 -13.29
C VAL A 70 -3.71 24.05 -12.83
C VAL A 70 -3.68 24.06 -13.00
N LYS A 71 -5.00 24.35 -12.95
CA LYS A 71 -5.55 25.68 -12.65
C LYS A 71 -5.52 26.00 -11.16
N THR A 72 -5.65 24.95 -10.28
CA THR A 72 -5.59 25.15 -8.83
C THR A 72 -4.17 25.12 -8.27
N GLY A 73 -3.23 24.51 -9.00
CA GLY A 73 -1.83 24.43 -8.57
C GLY A 73 -1.33 23.09 -8.06
N VAL A 74 -2.11 22.01 -8.26
CA VAL A 74 -1.70 20.64 -7.86
C VAL A 74 -0.50 20.26 -8.76
N ARG A 75 0.65 19.99 -8.14
CA ARG A 75 1.93 19.72 -8.82
C ARG A 75 2.00 18.37 -9.54
N ALA A 76 1.34 17.34 -8.96
CA ALA A 76 1.38 16.00 -9.54
C ALA A 76 0.08 15.24 -9.40
N LEU A 77 -0.31 14.56 -10.49
CA LEU A 77 -1.50 13.72 -10.54
C LEU A 77 -1.09 12.38 -11.11
N THR A 78 -1.39 11.28 -10.38
CA THR A 78 -1.05 9.92 -10.78
C THR A 78 -2.29 9.05 -10.77
N VAL A 79 -2.59 8.43 -11.93
CA VAL A 79 -3.81 7.65 -12.12
C VAL A 79 -3.48 6.17 -12.40
N PHE A 80 -4.30 5.26 -11.86
CA PHE A 80 -4.13 3.81 -11.99
C PHE A 80 -4.88 3.33 -13.24
N ALA A 81 -4.25 3.45 -14.42
CA ALA A 81 -4.93 3.13 -15.68
C ALA A 81 -5.03 1.63 -15.97
N PHE A 82 -3.96 0.89 -15.65
CA PHE A 82 -3.92 -0.55 -15.89
C PHE A 82 -2.97 -1.17 -14.89
N SER A 83 -3.49 -2.07 -14.07
CA SER A 83 -2.66 -2.72 -13.03
C SER A 83 -1.98 -4.01 -13.48
N SER A 84 -1.04 -4.51 -12.64
CA SER A 84 -0.39 -5.82 -12.78
C SER A 84 -1.50 -6.89 -12.83
N GLU A 85 -2.53 -6.75 -11.97
CA GLU A 85 -3.66 -7.67 -11.83
C GLU A 85 -4.59 -7.65 -13.04
N ASN A 86 -4.74 -6.47 -13.68
CA ASN A 86 -5.57 -6.29 -14.88
C ASN A 86 -5.13 -7.16 -16.05
N TRP A 87 -3.88 -7.70 -16.03
CA TRP A 87 -3.44 -8.63 -17.07
C TRP A 87 -4.23 -9.97 -17.01
N ASN A 88 -4.92 -10.23 -15.88
CA ASN A 88 -5.66 -11.48 -15.64
C ASN A 88 -7.16 -11.27 -15.78
N ARG A 89 -7.56 -10.11 -16.35
CA ARG A 89 -8.95 -9.80 -16.60
C ARG A 89 -9.31 -10.55 -17.89
N PRO A 90 -10.60 -10.69 -18.26
CA PRO A 90 -10.92 -11.32 -19.58
C PRO A 90 -10.13 -10.64 -20.72
N GLN A 91 -9.56 -11.44 -21.65
CA GLN A 91 -8.74 -10.94 -22.76
C GLN A 91 -9.40 -9.80 -23.55
N TYR A 92 -10.71 -9.88 -23.80
CA TYR A 92 -11.41 -8.81 -24.55
C TYR A 92 -11.36 -7.49 -23.80
N GLU A 93 -11.31 -7.54 -22.45
CA GLU A 93 -11.25 -6.36 -21.62
C GLU A 93 -9.85 -5.80 -21.69
N VAL A 94 -8.81 -6.68 -21.64
CA VAL A 94 -7.40 -6.31 -21.77
C VAL A 94 -7.24 -5.63 -23.13
N ASP A 95 -7.81 -6.24 -24.20
CA ASP A 95 -7.76 -5.69 -25.56
C ASP A 95 -8.34 -4.29 -25.61
N LEU A 96 -9.55 -4.09 -25.05
CA LEU A 96 -10.21 -2.78 -25.05
C LEU A 96 -9.37 -1.75 -24.30
N LEU A 97 -8.84 -2.14 -23.11
CA LEU A 97 -8.01 -1.26 -22.31
C LEU A 97 -6.73 -0.86 -23.04
N MET A 98 -6.10 -1.78 -23.82
CA MET A 98 -4.89 -1.47 -24.62
C MET A 98 -5.21 -0.45 -25.74
N LYS A 99 -6.34 -0.66 -26.44
CA LYS A 99 -6.80 0.26 -27.47
C LYS A 99 -7.16 1.61 -26.87
N LEU A 100 -7.82 1.61 -25.67
CA LEU A 100 -8.22 2.85 -24.98
C LEU A 100 -7.02 3.64 -24.50
N LEU A 101 -5.98 2.94 -24.04
CA LEU A 101 -4.72 3.56 -23.63
C LEU A 101 -4.07 4.27 -24.79
N GLU A 102 -3.98 3.57 -25.93
CA GLU A 102 -3.40 4.11 -27.17
C GLU A 102 -4.19 5.35 -27.63
N GLU A 103 -5.53 5.26 -27.65
CA GLU A 103 -6.42 6.37 -27.96
C GLU A 103 -6.16 7.54 -27.01
N THR A 104 -6.13 7.27 -25.68
CA THR A 104 -5.90 8.28 -24.65
C THR A 104 -4.60 9.05 -24.87
N ILE A 105 -3.47 8.33 -25.02
CA ILE A 105 -2.15 8.93 -25.16
C ILE A 105 -2.12 9.88 -26.36
N HIS A 106 -2.60 9.41 -27.56
CA HIS A 106 -2.68 10.28 -28.73
C HIS A 106 -3.47 11.53 -28.41
N GLU A 107 -4.67 11.39 -27.82
CA GLU A 107 -5.53 12.53 -27.48
C GLU A 107 -4.90 13.49 -26.46
N GLN A 108 -4.08 12.96 -25.55
CA GLN A 108 -3.45 13.75 -24.50
C GLN A 108 -2.26 14.55 -24.95
N ILE A 109 -1.44 14.04 -25.90
CA ILE A 109 -0.22 14.73 -26.34
C ILE A 109 -0.49 16.22 -26.68
N PRO A 110 -1.53 16.59 -27.50
CA PRO A 110 -1.77 18.03 -27.77
C PRO A 110 -2.21 18.77 -26.52
N ARG A 111 -2.97 18.09 -25.63
CA ARG A 111 -3.45 18.66 -24.38
C ARG A 111 -2.32 18.98 -23.42
N MET A 112 -1.29 18.12 -23.36
CA MET A 112 -0.11 18.32 -22.50
C MET A 112 0.69 19.54 -22.96
N LYS A 113 0.80 19.71 -24.28
CA LYS A 113 1.52 20.83 -24.87
C LYS A 113 0.82 22.17 -24.58
N LYS A 114 -0.51 22.19 -24.67
CA LYS A 114 -1.36 23.37 -24.43
C LYS A 114 -1.32 23.83 -22.95
N PHE A 115 -1.43 22.86 -22.02
CA PHE A 115 -1.46 23.12 -20.58
C PHE A 115 -0.11 23.06 -19.89
N ASN A 116 0.99 22.82 -20.64
CA ASN A 116 2.35 22.76 -20.08
C ASN A 116 2.47 21.63 -19.01
N ILE A 117 1.95 20.43 -19.34
CA ILE A 117 1.97 19.28 -18.43
C ILE A 117 2.96 18.25 -18.92
N ALA A 118 3.79 17.74 -18.01
CA ALA A 118 4.72 16.66 -18.32
C ALA A 118 3.92 15.34 -18.16
N LEU A 119 3.91 14.53 -19.22
CA LEU A 119 3.21 13.24 -19.19
C LEU A 119 4.21 12.13 -18.92
N ARG A 120 3.95 11.33 -17.89
CA ARG A 120 4.83 10.22 -17.54
C ARG A 120 4.05 8.92 -17.52
N PHE A 121 4.80 7.82 -17.59
CA PHE A 121 4.23 6.49 -17.47
C PHE A 121 5.05 5.68 -16.49
N ILE A 122 4.37 4.90 -15.64
CA ILE A 122 5.05 3.98 -14.71
C ILE A 122 4.45 2.60 -14.90
N GLY A 123 5.26 1.58 -14.64
CA GLY A 123 4.82 0.21 -14.74
C GLY A 123 5.79 -0.60 -15.57
N ASP A 124 5.51 -1.90 -15.63
CA ASP A 124 6.30 -2.88 -16.33
C ASP A 124 5.97 -2.80 -17.83
N ARG A 125 6.83 -2.13 -18.61
CA ARG A 125 6.67 -1.95 -20.05
C ARG A 125 6.92 -3.23 -20.83
N SER A 126 7.68 -4.18 -20.26
CA SER A 126 7.98 -5.44 -20.95
C SER A 126 6.70 -6.25 -21.29
N ARG A 127 5.59 -5.97 -20.59
CA ARG A 127 4.33 -6.71 -20.78
C ARG A 127 3.37 -6.03 -21.77
N LEU A 128 3.65 -4.78 -22.12
CA LEU A 128 2.80 -3.98 -23.02
C LEU A 128 3.12 -4.20 -24.49
N PRO A 129 2.13 -3.96 -25.42
CA PRO A 129 2.44 -4.04 -26.86
C PRO A 129 3.55 -3.08 -27.24
N SER A 130 4.48 -3.52 -28.11
CA SER A 130 5.64 -2.75 -28.58
C SER A 130 5.27 -1.36 -29.15
N HIS A 131 4.19 -1.29 -29.97
CA HIS A 131 3.71 -0.04 -30.59
C HIS A 131 3.20 0.93 -29.51
N LEU A 132 2.55 0.41 -28.45
CA LEU A 132 2.07 1.24 -27.34
C LEU A 132 3.26 1.82 -26.55
N VAL A 133 4.31 0.99 -26.34
CA VAL A 133 5.53 1.46 -25.67
C VAL A 133 6.22 2.59 -26.48
N ALA A 134 6.28 2.47 -27.83
CA ALA A 134 6.86 3.51 -28.70
C ALA A 134 6.07 4.81 -28.54
N LEU A 135 4.71 4.71 -28.45
CA LEU A 135 3.85 5.87 -28.29
C LEU A 135 4.07 6.51 -26.91
N MET A 136 4.23 5.68 -25.86
CA MET A 136 4.50 6.16 -24.51
C MET A 136 5.82 6.91 -24.48
N GLU A 137 6.88 6.32 -25.09
CA GLU A 137 8.22 6.94 -25.18
C GLU A 137 8.14 8.31 -25.86
N ASP A 138 7.36 8.40 -26.97
CA ASP A 138 7.14 9.63 -27.73
CA ASP A 138 7.17 9.64 -27.71
C ASP A 138 6.51 10.71 -26.85
N ALA A 139 5.39 10.36 -26.18
CA ALA A 139 4.65 11.27 -25.28
C ALA A 139 5.53 11.80 -24.12
N GLU A 140 6.26 10.91 -23.44
CA GLU A 140 7.09 11.35 -22.32
CA GLU A 140 7.15 11.27 -22.33
C GLU A 140 8.26 12.23 -22.79
N GLN A 141 8.94 11.87 -23.88
CA GLN A 141 10.03 12.66 -24.43
C GLN A 141 9.62 14.06 -24.90
N GLN A 142 8.41 14.19 -25.55
CA GLN A 142 7.91 15.47 -26.08
C GLN A 142 7.39 16.40 -25.00
N THR A 143 7.03 15.85 -23.82
CA THR A 143 6.45 16.66 -22.74
C THR A 143 7.36 16.78 -21.52
N ALA A 144 8.54 16.12 -21.54
CA ALA A 144 9.50 16.09 -20.43
C ALA A 144 9.91 17.49 -19.92
N HIS A 145 9.99 18.49 -20.81
CA HIS A 145 10.38 19.86 -20.45
C HIS A 145 9.24 20.68 -19.82
N HIS A 146 7.99 20.19 -19.87
CA HIS A 146 6.84 20.92 -19.31
C HIS A 146 6.93 20.99 -17.79
N ASP A 147 6.52 22.12 -17.18
CA ASP A 147 6.71 22.21 -15.73
C ASP A 147 5.52 22.73 -14.92
N ALA A 148 4.33 22.92 -15.51
CA ALA A 148 3.20 23.36 -14.70
C ALA A 148 2.70 22.22 -13.79
N MET A 149 2.79 20.97 -14.27
CA MET A 149 2.32 19.78 -13.55
C MET A 149 2.90 18.52 -14.19
N THR A 150 2.88 17.41 -13.42
CA THR A 150 3.28 16.09 -13.87
C THR A 150 2.06 15.18 -13.78
N LEU A 151 1.59 14.72 -14.94
CA LEU A 151 0.51 13.74 -15.05
C LEU A 151 1.19 12.38 -15.25
N THR A 152 0.96 11.42 -14.33
CA THR A 152 1.55 10.10 -14.47
C THR A 152 0.45 9.08 -14.72
N ILE A 153 0.62 8.31 -15.78
CA ILE A 153 -0.31 7.24 -16.09
C ILE A 153 0.37 5.90 -15.70
N ALA A 154 -0.19 5.21 -14.68
CA ALA A 154 0.31 3.92 -14.21
C ALA A 154 -0.30 2.87 -15.11
N VAL A 155 0.55 2.26 -15.96
CA VAL A 155 0.18 1.27 -17.00
CA VAL A 155 0.18 1.27 -16.98
C VAL A 155 1.02 0.03 -16.79
N SER A 156 0.37 -1.15 -16.68
CA SER A 156 1.04 -2.45 -16.41
C SER A 156 1.80 -2.23 -15.06
N TYR A 157 1.15 -1.51 -14.15
CA TYR A 157 1.74 -1.11 -12.87
C TYR A 157 1.16 -1.82 -11.65
N GLY A 158 2.04 -2.08 -10.70
CA GLY A 158 1.66 -2.61 -9.40
C GLY A 158 2.74 -2.14 -8.45
N GLY A 159 2.34 -1.76 -7.24
CA GLY A 159 3.28 -1.33 -6.20
C GLY A 159 4.31 -2.40 -5.90
N MET A 160 3.87 -3.68 -5.85
CA MET A 160 4.76 -4.84 -5.62
C MET A 160 5.81 -4.95 -6.72
N TRP A 161 5.37 -4.89 -8.01
CA TRP A 161 6.26 -4.89 -9.18
C TRP A 161 7.31 -3.77 -9.01
N ASP A 162 6.84 -2.56 -8.69
CA ASP A 162 7.66 -1.34 -8.57
C ASP A 162 8.73 -1.53 -7.52
N ILE A 163 8.30 -2.00 -6.34
CA ILE A 163 9.18 -2.27 -5.20
C ILE A 163 10.23 -3.34 -5.56
N ALA A 164 9.80 -4.46 -6.15
CA ALA A 164 10.72 -5.57 -6.51
C ALA A 164 11.70 -5.14 -7.60
N ASN A 165 11.21 -4.29 -8.54
CA ASN A 165 12.05 -3.73 -9.60
C ASN A 165 13.12 -2.82 -8.96
N ALA A 166 12.74 -2.00 -7.97
CA ALA A 166 13.67 -1.11 -7.26
C ALA A 166 14.75 -1.95 -6.55
N ALA A 167 14.35 -3.08 -5.89
CA ALA A 167 15.27 -4.04 -5.27
C ALA A 167 16.20 -4.71 -6.32
N LYS A 168 15.68 -5.02 -7.53
CA LYS A 168 16.53 -5.59 -8.60
C LYS A 168 17.60 -4.56 -9.02
N GLN A 169 17.21 -3.29 -9.21
CA GLN A 169 18.12 -2.21 -9.62
C GLN A 169 19.18 -1.95 -8.58
N VAL A 170 18.81 -1.99 -7.27
CA VAL A 170 19.77 -1.82 -6.17
C VAL A 170 20.76 -3.00 -6.23
N ALA A 171 20.24 -4.24 -6.42
CA ALA A 171 21.09 -5.42 -6.48
C ALA A 171 22.03 -5.44 -7.69
N GLN A 172 21.60 -4.87 -8.84
CA GLN A 172 22.44 -4.75 -10.03
C GLN A 172 23.62 -3.81 -9.76
N ALA A 173 23.37 -2.74 -8.96
CA ALA A 173 24.39 -1.75 -8.60
C ALA A 173 25.40 -2.41 -7.65
N VAL A 174 24.90 -3.26 -6.74
CA VAL A 174 25.73 -4.07 -5.84
C VAL A 174 26.65 -4.96 -6.72
N SER A 175 26.07 -5.66 -7.73
CA SER A 175 26.85 -6.53 -8.64
C SER A 175 27.91 -5.81 -9.44
N ARG A 176 27.70 -4.53 -9.75
CA ARG A 176 28.67 -3.72 -10.50
C ARG A 176 29.75 -3.12 -9.58
N GLY A 177 29.59 -3.31 -8.27
CA GLY A 177 30.49 -2.80 -7.23
C GLY A 177 30.28 -1.36 -6.83
N GLU A 178 29.17 -0.75 -7.29
CA GLU A 178 28.87 0.66 -7.03
C GLU A 178 28.32 0.92 -5.64
N ILE A 179 27.67 -0.11 -5.07
CA ILE A 179 26.99 -0.07 -3.79
C ILE A 179 27.41 -1.26 -2.95
N ASP A 180 27.59 -1.03 -1.65
CA ASP A 180 27.87 -2.03 -0.62
C ASP A 180 26.46 -2.42 -0.07
N ALA A 181 26.12 -3.72 -0.16
CA ALA A 181 24.83 -4.27 0.29
C ALA A 181 24.53 -3.96 1.75
N ASP A 182 25.58 -3.93 2.61
CA ASP A 182 25.46 -3.60 4.05
C ASP A 182 24.92 -2.19 4.30
N GLN A 183 25.08 -1.30 3.31
CA GLN A 183 24.66 0.10 3.35
C GLN A 183 23.21 0.38 2.89
N ILE A 184 22.50 -0.65 2.37
CA ILE A 184 21.11 -0.49 1.91
C ILE A 184 20.17 -0.17 3.08
N ASN A 185 19.52 0.98 3.02
CA ASN A 185 18.53 1.43 4.01
C ASN A 185 17.40 2.15 3.26
N VAL A 186 16.44 2.73 3.97
CA VAL A 186 15.30 3.44 3.37
C VAL A 186 15.76 4.60 2.48
N ASP A 187 16.72 5.43 2.95
CA ASP A 187 17.25 6.56 2.20
C ASP A 187 17.86 6.13 0.86
N LEU A 188 18.59 5.02 0.84
CA LEU A 188 19.16 4.54 -0.42
C LEU A 188 18.08 3.93 -1.33
N PHE A 189 17.25 3.01 -0.79
CA PHE A 189 16.21 2.28 -1.53
C PHE A 189 15.20 3.17 -2.24
N GLU A 190 14.69 4.20 -1.53
CA GLU A 190 13.68 5.13 -2.04
C GLU A 190 14.04 5.75 -3.39
N LYS A 191 15.34 5.93 -3.67
CA LYS A 191 15.83 6.49 -4.92
C LYS A 191 15.55 5.63 -6.17
N TYR A 192 15.19 4.34 -5.98
CA TYR A 192 14.95 3.37 -7.06
C TYR A 192 13.47 3.08 -7.30
N VAL A 193 12.60 3.57 -6.41
CA VAL A 193 11.15 3.39 -6.51
C VAL A 193 10.65 4.45 -7.51
N SER A 194 9.59 4.11 -8.29
CA SER A 194 9.05 5.05 -9.28
CA SER A 194 9.01 5.04 -9.27
C SER A 194 8.56 6.35 -8.63
N LEU A 195 8.67 7.47 -9.39
CA LEU A 195 8.24 8.82 -8.97
C LEU A 195 9.00 9.35 -7.78
N ASN A 196 10.23 8.89 -7.57
CA ASN A 196 11.08 9.33 -6.45
C ASN A 196 11.43 10.82 -6.55
N ASP A 197 11.45 11.38 -7.78
CA ASP A 197 11.77 12.79 -8.00
C ASP A 197 10.55 13.70 -7.80
N LEU A 198 9.40 13.12 -7.44
CA LEU A 198 8.15 13.86 -7.20
C LEU A 198 7.85 13.86 -5.69
N PRO A 199 6.98 14.75 -5.17
CA PRO A 199 6.62 14.65 -3.75
C PRO A 199 5.90 13.32 -3.47
N ALA A 200 5.85 12.90 -2.20
CA ALA A 200 5.15 11.68 -1.80
C ALA A 200 3.68 11.93 -2.06
N VAL A 201 2.91 10.86 -2.31
CA VAL A 201 1.47 11.02 -2.52
C VAL A 201 0.89 11.44 -1.18
N ASP A 202 0.20 12.60 -1.13
CA ASP A 202 -0.38 13.05 0.14
C ASP A 202 -1.89 12.87 0.14
N LEU A 203 -2.48 12.69 -1.05
CA LEU A 203 -3.91 12.40 -1.17
C LEU A 203 -4.16 11.31 -2.19
N LEU A 204 -4.83 10.24 -1.77
CA LEU A 204 -5.19 9.15 -2.65
C LEU A 204 -6.69 8.99 -2.64
N ILE A 205 -7.29 9.11 -3.82
CA ILE A 205 -8.73 8.99 -4.06
C ILE A 205 -9.06 7.65 -4.66
N ARG A 206 -10.10 7.00 -4.13
CA ARG A 206 -10.59 5.79 -4.73
C ARG A 206 -12.08 5.90 -4.94
N THR A 207 -12.53 5.82 -6.21
CA THR A 207 -13.94 5.86 -6.56
C THR A 207 -14.45 4.41 -6.64
N GLY A 208 -15.76 4.21 -6.72
CA GLY A 208 -16.33 2.89 -6.87
C GLY A 208 -16.78 2.12 -5.63
N GLY A 209 -16.66 2.72 -4.46
CA GLY A 209 -17.15 2.11 -3.22
C GLY A 209 -16.31 1.10 -2.46
N ASP A 210 -15.19 0.59 -3.04
CA ASP A 210 -14.33 -0.41 -2.36
C ASP A 210 -13.28 0.28 -1.47
N PHE A 211 -13.02 -0.29 -0.28
CA PHE A 211 -12.06 0.25 0.68
C PHE A 211 -10.82 -0.59 0.60
N ARG A 212 -9.97 -0.25 -0.38
CA ARG A 212 -8.76 -1.00 -0.70
C ARG A 212 -7.74 -0.15 -1.50
N ILE A 213 -6.44 -0.43 -1.31
CA ILE A 213 -5.35 0.24 -2.05
CA ILE A 213 -5.39 0.25 -2.07
C ILE A 213 -5.07 -0.56 -3.35
N SER A 214 -5.45 -1.87 -3.36
CA SER A 214 -5.32 -2.77 -4.53
C SER A 214 -3.97 -2.70 -5.27
N ASN A 215 -2.87 -2.83 -4.51
CA ASN A 215 -1.53 -2.87 -5.06
C ASN A 215 -1.20 -1.62 -5.94
N PHE A 216 -1.61 -0.44 -5.47
CA PHE A 216 -1.31 0.79 -6.22
C PHE A 216 0.03 1.38 -5.73
N LEU A 217 0.11 2.66 -5.40
CA LEU A 217 1.37 3.28 -4.96
C LEU A 217 1.65 2.96 -3.49
N LEU A 218 1.99 1.69 -3.20
CA LEU A 218 2.22 1.21 -1.83
C LEU A 218 3.25 2.02 -1.09
N TRP A 219 4.41 2.26 -1.72
CA TRP A 219 5.49 3.02 -1.14
C TRP A 219 5.17 4.51 -1.10
N GLN A 220 4.84 5.09 -2.29
CA GLN A 220 4.62 6.52 -2.53
C GLN A 220 3.48 7.11 -1.69
N ALA A 221 2.44 6.30 -1.40
CA ALA A 221 1.25 6.70 -0.62
C ALA A 221 1.29 6.17 0.84
N ALA A 222 2.48 5.87 1.37
CA ALA A 222 2.66 5.34 2.74
C ALA A 222 2.00 6.24 3.81
N TYR A 223 1.99 7.58 3.61
CA TYR A 223 1.42 8.53 4.56
C TYR A 223 0.27 9.34 4.01
N ALA A 224 -0.28 8.90 2.88
CA ALA A 224 -1.33 9.62 2.23
C ALA A 224 -2.65 9.55 2.91
N GLU A 225 -3.35 10.69 2.84
CA GLU A 225 -4.72 10.81 3.30
CA GLU A 225 -4.72 10.83 3.30
C GLU A 225 -5.51 10.00 2.28
N LEU A 226 -6.54 9.26 2.72
CA LEU A 226 -7.36 8.42 1.85
C LEU A 226 -8.79 8.92 1.74
N TYR A 227 -9.27 9.11 0.50
CA TYR A 227 -10.62 9.56 0.24
C TYR A 227 -11.31 8.47 -0.57
N PHE A 228 -12.32 7.84 0.04
CA PHE A 228 -13.09 6.78 -0.60
C PHE A 228 -14.48 7.30 -0.90
N THR A 229 -15.00 6.96 -2.10
CA THR A 229 -16.34 7.37 -2.48
C THR A 229 -17.08 6.26 -3.19
N ASP A 230 -18.42 6.26 -3.06
CA ASP A 230 -19.33 5.33 -3.70
C ASP A 230 -19.56 5.74 -5.15
N THR A 231 -19.24 7.02 -5.49
CA THR A 231 -19.39 7.54 -6.85
C THR A 231 -18.56 6.64 -7.78
N LEU A 232 -19.21 6.05 -8.80
CA LEU A 232 -18.53 5.21 -9.79
C LEU A 232 -17.70 6.15 -10.69
N TRP A 233 -16.49 5.74 -11.16
CA TRP A 233 -15.63 6.62 -11.96
C TRP A 233 -16.34 7.37 -13.13
N PRO A 234 -17.19 6.75 -13.99
CA PRO A 234 -17.85 7.53 -15.06
C PRO A 234 -18.75 8.67 -14.57
N GLU A 235 -19.20 8.61 -13.30
CA GLU A 235 -20.06 9.64 -12.68
C GLU A 235 -19.25 10.63 -11.86
N PHE A 236 -17.89 10.46 -11.79
CA PHE A 236 -17.07 11.33 -10.95
C PHE A 236 -16.92 12.72 -11.54
N THR A 237 -17.16 13.76 -10.71
CA THR A 237 -17.15 15.17 -11.12
C THR A 237 -15.99 15.96 -10.54
N VAL A 238 -15.70 17.13 -11.15
CA VAL A 238 -14.68 18.07 -10.68
C VAL A 238 -15.11 18.61 -9.33
N GLU A 239 -16.43 18.76 -9.11
CA GLU A 239 -17.01 19.27 -7.86
C GLU A 239 -16.65 18.32 -6.71
N GLU A 240 -16.86 17.00 -6.88
CA GLU A 240 -16.49 16.02 -5.85
C GLU A 240 -14.98 15.95 -5.65
N PHE A 241 -14.21 15.99 -6.75
CA PHE A 241 -12.74 16.01 -6.69
C PHE A 241 -12.27 17.23 -5.89
N ASP A 242 -12.89 18.40 -6.16
CA ASP A 242 -12.55 19.63 -5.47
C ASP A 242 -12.89 19.52 -3.98
N HIS A 243 -14.02 18.85 -3.65
CA HIS A 243 -14.44 18.59 -2.27
C HIS A 243 -13.40 17.70 -1.58
N ALA A 244 -12.85 16.69 -2.31
CA ALA A 244 -11.81 15.79 -1.80
C ALA A 244 -10.52 16.58 -1.46
N LEU A 245 -10.22 17.65 -2.24
CA LEU A 245 -9.07 18.53 -1.98
C LEU A 245 -9.35 19.36 -0.72
N ASN A 246 -10.63 19.80 -0.55
CA ASN A 246 -11.09 20.59 0.60
C ASN A 246 -10.99 19.76 1.88
N VAL A 247 -11.38 18.46 1.83
CA VAL A 247 -11.32 17.50 2.93
C VAL A 247 -9.86 17.34 3.40
N PHE A 248 -8.90 17.32 2.45
CA PHE A 248 -7.46 17.24 2.74
C PHE A 248 -7.00 18.51 3.52
N SER A 249 -7.60 19.68 3.21
CA SER A 249 -7.29 20.98 3.85
C SER A 249 -8.25 21.36 4.99
N SER B 24 -24.95 -14.27 -1.68
CA SER B 24 -23.80 -14.52 -0.82
C SER B 24 -24.11 -15.54 0.29
N GLU B 25 -24.02 -16.84 -0.05
CA GLU B 25 -24.32 -17.94 0.87
C GLU B 25 -23.17 -18.21 1.86
N GLU B 26 -21.91 -18.23 1.40
CA GLU B 26 -20.76 -18.50 2.28
C GLU B 26 -20.10 -17.23 2.80
N TYR B 27 -19.96 -17.12 4.13
CA TYR B 27 -19.35 -15.93 4.77
C TYR B 27 -17.98 -16.27 5.35
N HIS B 28 -16.93 -16.05 4.56
CA HIS B 28 -15.55 -16.33 4.99
C HIS B 28 -14.97 -15.14 5.75
N LEU B 29 -14.54 -15.37 6.98
CA LEU B 29 -13.93 -14.35 7.83
C LEU B 29 -12.51 -14.04 7.32
N PRO B 30 -11.88 -12.91 7.71
CA PRO B 30 -10.47 -12.68 7.31
C PRO B 30 -9.54 -13.76 7.87
N GLN B 31 -8.43 -14.07 7.18
CA GLN B 31 -7.42 -15.05 7.68
C GLN B 31 -6.37 -14.33 8.52
N HIS B 32 -6.07 -13.08 8.18
CA HIS B 32 -5.06 -12.27 8.80
C HIS B 32 -5.58 -10.84 8.98
N VAL B 33 -5.82 -10.48 10.24
CA VAL B 33 -6.30 -9.14 10.56
C VAL B 33 -5.12 -8.31 11.07
N ALA B 34 -4.99 -7.07 10.60
CA ALA B 34 -3.99 -6.15 11.11
C ALA B 34 -4.70 -4.93 11.70
N ILE B 35 -4.16 -4.40 12.79
CA ILE B 35 -4.77 -3.28 13.48
C ILE B 35 -3.79 -2.15 13.73
N ILE B 36 -4.19 -0.91 13.39
CA ILE B 36 -3.48 0.32 13.76
C ILE B 36 -4.29 0.82 14.97
N MET B 37 -3.71 0.68 16.18
CA MET B 37 -4.31 0.99 17.48
C MET B 37 -4.06 2.45 17.82
N ASP B 38 -4.75 3.34 17.12
CA ASP B 38 -4.62 4.79 17.27
C ASP B 38 -5.79 5.38 18.09
N GLY B 39 -5.52 6.51 18.75
CA GLY B 39 -6.48 7.22 19.58
C GLY B 39 -6.19 7.26 21.06
N ASN B 40 -4.96 6.86 21.48
CA ASN B 40 -4.55 6.86 22.88
C ASN B 40 -4.38 8.27 23.44
N ASN B 41 -3.59 9.13 22.77
CA ASN B 41 -3.36 10.52 23.20
C ASN B 41 -4.58 11.38 22.89
N ASN B 60 -5.24 -3.33 27.90
CA ASN B 60 -6.00 -4.57 28.10
C ASN B 60 -7.04 -4.81 26.98
N VAL B 61 -7.26 -3.81 26.10
CA VAL B 61 -8.19 -3.83 24.96
C VAL B 61 -7.96 -5.04 24.03
N LEU B 62 -6.69 -5.38 23.77
CA LEU B 62 -6.30 -6.46 22.87
C LEU B 62 -6.67 -7.87 23.32
N ASP B 63 -6.58 -8.16 24.63
CA ASP B 63 -6.84 -9.53 25.14
C ASP B 63 -8.19 -10.11 24.69
N PRO B 64 -9.36 -9.44 24.83
CA PRO B 64 -10.59 -10.08 24.33
C PRO B 64 -10.62 -10.16 22.79
N ILE B 65 -9.86 -9.29 22.08
CA ILE B 65 -9.78 -9.33 20.61
C ILE B 65 -8.98 -10.59 20.14
N VAL B 66 -7.85 -10.90 20.81
CA VAL B 66 -7.03 -12.09 20.57
C VAL B 66 -7.88 -13.34 20.82
N GLU B 67 -8.67 -13.33 21.90
CA GLU B 67 -9.55 -14.45 22.26
C GLU B 67 -10.66 -14.65 21.25
N HIS B 68 -11.17 -13.55 20.66
CA HIS B 68 -12.20 -13.60 19.62
C HIS B 68 -11.67 -14.19 18.31
N CYS B 69 -10.39 -13.90 17.97
CA CYS B 69 -9.72 -14.46 16.79
C CYS B 69 -9.65 -15.98 16.90
N VAL B 70 -9.27 -16.49 18.11
CA VAL B 70 -9.19 -17.93 18.40
C VAL B 70 -10.59 -18.57 18.29
N LYS B 71 -11.61 -17.91 18.86
CA LYS B 71 -13.00 -18.38 18.82
C LYS B 71 -13.53 -18.46 17.38
N THR B 72 -13.25 -17.44 16.56
CA THR B 72 -13.77 -17.38 15.20
C THR B 72 -12.89 -18.09 14.14
N GLY B 73 -11.64 -18.46 14.48
CA GLY B 73 -10.76 -19.13 13.52
C GLY B 73 -9.83 -18.23 12.73
N VAL B 74 -9.72 -16.93 13.12
CA VAL B 74 -8.79 -15.99 12.46
C VAL B 74 -7.38 -16.50 12.80
N ARG B 75 -6.56 -16.81 11.77
CA ARG B 75 -5.23 -17.40 11.90
C ARG B 75 -4.15 -16.47 12.42
N ALA B 76 -4.25 -15.17 12.07
CA ALA B 76 -3.24 -14.21 12.45
C ALA B 76 -3.81 -12.85 12.77
N LEU B 77 -3.19 -12.21 13.77
CA LEU B 77 -3.47 -10.85 14.18
C LEU B 77 -2.13 -10.13 14.32
N THR B 78 -2.00 -8.98 13.64
CA THR B 78 -0.77 -8.16 13.63
C THR B 78 -1.13 -6.77 14.07
N VAL B 79 -0.49 -6.31 15.15
CA VAL B 79 -0.82 -4.99 15.69
C VAL B 79 0.37 -4.03 15.62
N PHE B 80 0.08 -2.74 15.35
CA PHE B 80 1.07 -1.66 15.26
C PHE B 80 1.31 -1.04 16.64
N ALA B 81 2.27 -1.58 17.41
CA ALA B 81 2.55 -1.09 18.76
C ALA B 81 3.43 0.14 18.76
N PHE B 82 4.57 0.09 18.06
CA PHE B 82 5.52 1.20 18.01
C PHE B 82 6.07 1.34 16.60
N SER B 83 5.93 2.54 16.03
CA SER B 83 6.38 2.85 14.67
C SER B 83 7.82 3.44 14.60
N SER B 84 8.43 3.39 13.39
CA SER B 84 9.71 4.01 13.02
C SER B 84 9.63 5.51 13.42
N GLU B 85 8.48 6.15 13.10
CA GLU B 85 8.15 7.55 13.38
C GLU B 85 8.11 7.85 14.88
N ASN B 86 7.72 6.86 15.73
CA ASN B 86 7.60 7.02 17.19
C ASN B 86 8.94 7.26 17.91
N TRP B 87 10.09 7.01 17.24
CA TRP B 87 11.41 7.31 17.79
C TRP B 87 11.67 8.82 17.84
N ASN B 88 10.87 9.62 17.08
CA ASN B 88 10.95 11.09 16.99
C ASN B 88 10.16 11.80 18.11
N ARG B 89 9.49 11.03 18.98
CA ARG B 89 8.76 11.58 20.14
C ARG B 89 9.80 11.98 21.22
N PRO B 90 9.46 12.83 22.23
CA PRO B 90 10.47 13.16 23.27
C PRO B 90 10.97 11.91 24.00
N GLN B 91 12.21 11.93 24.51
CA GLN B 91 12.86 10.79 25.18
C GLN B 91 12.04 10.18 26.32
N TYR B 92 11.39 11.01 27.16
CA TYR B 92 10.56 10.51 28.27
C TYR B 92 9.34 9.72 27.76
N GLU B 93 8.83 10.07 26.57
CA GLU B 93 7.67 9.42 25.96
C GLU B 93 8.14 8.05 25.43
N VAL B 94 9.31 8.05 24.75
CA VAL B 94 9.97 6.86 24.20
C VAL B 94 10.27 5.87 25.36
N ASP B 95 10.87 6.37 26.46
CA ASP B 95 11.20 5.59 27.67
C ASP B 95 9.95 4.95 28.29
N LEU B 96 8.82 5.70 28.33
CA LEU B 96 7.56 5.20 28.85
C LEU B 96 6.97 4.11 27.97
N LEU B 97 7.07 4.26 26.63
CA LEU B 97 6.58 3.26 25.69
C LEU B 97 7.41 1.96 25.78
N MET B 98 8.73 2.10 26.03
CA MET B 98 9.63 0.94 26.20
C MET B 98 9.23 0.13 27.45
N LYS B 99 8.86 0.85 28.55
CA LYS B 99 8.38 0.23 29.80
C LYS B 99 7.03 -0.45 29.57
N LEU B 100 6.11 0.20 28.81
CA LEU B 100 4.78 -0.38 28.50
C LEU B 100 4.91 -1.64 27.65
N LEU B 101 5.89 -1.64 26.73
CA LEU B 101 6.16 -2.78 25.86
CA LEU B 101 6.15 -2.79 25.87
C LEU B 101 6.72 -3.96 26.67
N GLU B 102 7.69 -3.70 27.58
CA GLU B 102 8.28 -4.74 28.45
C GLU B 102 7.18 -5.39 29.28
N GLU B 103 6.31 -4.55 29.84
CA GLU B 103 5.18 -4.92 30.66
C GLU B 103 4.20 -5.78 29.88
N THR B 104 3.81 -5.32 28.67
CA THR B 104 2.86 -6.06 27.84
C THR B 104 3.38 -7.47 27.51
N ILE B 105 4.66 -7.61 27.11
CA ILE B 105 5.24 -8.91 26.73
C ILE B 105 5.22 -9.88 27.90
N HIS B 106 5.72 -9.42 29.08
CA HIS B 106 5.67 -10.21 30.30
C HIS B 106 4.28 -10.71 30.59
N GLU B 107 3.28 -9.81 30.51
CA GLU B 107 1.88 -10.20 30.77
C GLU B 107 1.34 -11.13 29.68
N GLN B 108 1.83 -11.00 28.44
CA GLN B 108 1.34 -11.84 27.34
C GLN B 108 1.91 -13.27 27.35
N ILE B 109 3.18 -13.47 27.76
CA ILE B 109 3.84 -14.80 27.74
C ILE B 109 2.94 -15.89 28.40
N PRO B 110 2.43 -15.71 29.66
CA PRO B 110 1.55 -16.75 30.24
C PRO B 110 0.28 -17.03 29.45
N ARG B 111 -0.31 -15.97 28.82
CA ARG B 111 -1.51 -16.09 27.98
C ARG B 111 -1.19 -16.87 26.71
N MET B 112 -0.03 -16.56 26.10
CA MET B 112 0.41 -17.25 24.88
C MET B 112 0.59 -18.75 25.15
N LYS B 113 1.16 -19.10 26.32
CA LYS B 113 1.32 -20.49 26.70
C LYS B 113 -0.05 -21.14 27.02
N LYS B 114 -0.90 -20.45 27.78
CA LYS B 114 -2.22 -21.01 28.16
C LYS B 114 -3.10 -21.32 26.90
N PHE B 115 -3.10 -20.39 25.95
CA PHE B 115 -3.91 -20.52 24.75
C PHE B 115 -3.19 -21.16 23.57
N ASN B 116 -1.88 -21.50 23.74
CA ASN B 116 -1.07 -22.07 22.64
C ASN B 116 -1.05 -21.14 21.40
N ILE B 117 -0.75 -19.87 21.62
CA ILE B 117 -0.67 -18.86 20.54
C ILE B 117 0.83 -18.54 20.34
N ALA B 118 1.25 -18.40 19.06
CA ALA B 118 2.63 -18.00 18.75
C ALA B 118 2.72 -16.46 18.88
N LEU B 119 3.74 -15.96 19.57
CA LEU B 119 3.94 -14.53 19.74
C LEU B 119 5.18 -14.14 18.95
N ARG B 120 5.02 -13.21 17.99
CA ARG B 120 6.11 -12.77 17.13
C ARG B 120 6.28 -11.27 17.19
N PHE B 121 7.45 -10.80 16.79
CA PHE B 121 7.68 -9.37 16.70
C PHE B 121 8.34 -9.05 15.37
N ILE B 122 7.94 -7.93 14.78
CA ILE B 122 8.53 -7.42 13.55
C ILE B 122 8.98 -5.98 13.80
N GLY B 123 10.02 -5.58 13.11
CA GLY B 123 10.61 -4.25 13.22
C GLY B 123 12.11 -4.31 13.41
N ASP B 124 12.74 -3.14 13.35
CA ASP B 124 14.17 -2.96 13.53
C ASP B 124 14.48 -3.11 15.05
N ARG B 125 15.25 -4.11 15.42
CA ARG B 125 15.60 -4.31 16.84
C ARG B 125 16.91 -3.62 17.24
N SER B 126 17.63 -3.03 16.26
CA SER B 126 18.93 -2.38 16.51
C SER B 126 18.84 -1.17 17.44
N ARG B 127 17.69 -0.48 17.42
CA ARG B 127 17.37 0.75 18.16
C ARG B 127 16.73 0.50 19.54
N LEU B 128 16.39 -0.77 19.85
CA LEU B 128 15.72 -1.15 21.09
C LEU B 128 16.66 -1.46 22.25
N PRO B 129 16.22 -1.26 23.52
CA PRO B 129 17.06 -1.64 24.67
C PRO B 129 17.34 -3.15 24.66
N SER B 130 18.57 -3.55 24.99
CA SER B 130 19.05 -4.93 25.00
C SER B 130 18.17 -5.93 25.78
N HIS B 131 17.70 -5.53 26.98
CA HIS B 131 16.87 -6.37 27.84
C HIS B 131 15.49 -6.59 27.24
N LEU B 132 14.99 -5.61 26.47
CA LEU B 132 13.70 -5.71 25.81
C LEU B 132 13.83 -6.69 24.63
N VAL B 133 14.98 -6.61 23.91
CA VAL B 133 15.27 -7.52 22.79
C VAL B 133 15.37 -8.95 23.35
N ALA B 134 16.08 -9.12 24.52
CA ALA B 134 16.24 -10.42 25.18
C ALA B 134 14.87 -10.98 25.58
N LEU B 135 13.96 -10.12 26.05
CA LEU B 135 12.58 -10.51 26.41
C LEU B 135 11.76 -10.94 25.15
N MET B 136 11.92 -10.21 24.05
CA MET B 136 11.26 -10.49 22.76
C MET B 136 11.71 -11.84 22.22
N GLU B 137 13.03 -12.12 22.31
CA GLU B 137 13.61 -13.40 21.91
C GLU B 137 13.06 -14.53 22.76
N ASP B 138 12.99 -14.38 24.11
CA ASP B 138 12.43 -15.38 25.02
C ASP B 138 10.99 -15.70 24.63
N ALA B 139 10.15 -14.66 24.48
CA ALA B 139 8.74 -14.80 24.12
C ALA B 139 8.56 -15.54 22.78
N GLU B 140 9.31 -15.14 21.75
CA GLU B 140 9.14 -15.76 20.44
C GLU B 140 9.73 -17.17 20.40
N GLN B 141 10.80 -17.44 21.15
CA GLN B 141 11.39 -18.79 21.20
C GLN B 141 10.50 -19.79 21.98
N GLN B 142 9.84 -19.33 23.04
CA GLN B 142 8.96 -20.17 23.89
C GLN B 142 7.63 -20.51 23.22
N THR B 143 7.24 -19.69 22.22
CA THR B 143 5.94 -19.81 21.56
C THR B 143 5.96 -20.11 20.07
N ALA B 144 7.14 -20.17 19.42
CA ALA B 144 7.27 -20.31 17.96
C ALA B 144 6.51 -21.47 17.34
N HIS B 145 6.42 -22.59 18.05
CA HIS B 145 5.75 -23.84 17.62
C HIS B 145 4.23 -23.84 17.90
N HIS B 146 3.70 -22.83 18.65
CA HIS B 146 2.27 -22.76 18.97
C HIS B 146 1.43 -22.58 17.70
N ASP B 147 0.35 -23.39 17.54
CA ASP B 147 -0.40 -23.37 16.29
C ASP B 147 -1.85 -22.83 16.39
N ALA B 148 -2.31 -22.30 17.53
CA ALA B 148 -3.71 -21.84 17.56
C ALA B 148 -3.96 -20.59 16.72
N MET B 149 -2.94 -19.72 16.66
CA MET B 149 -2.98 -18.40 16.02
C MET B 149 -1.57 -17.81 16.14
N THR B 150 -1.29 -16.79 15.33
CA THR B 150 -0.06 -16.05 15.44
C THR B 150 -0.41 -14.61 15.76
N LEU B 151 0.07 -14.14 16.91
CA LEU B 151 -0.06 -12.75 17.31
C LEU B 151 1.29 -12.08 17.00
N THR B 152 1.31 -11.07 16.11
CA THR B 152 2.54 -10.34 15.82
C THR B 152 2.40 -8.92 16.30
N ILE B 153 3.40 -8.47 17.04
CA ILE B 153 3.44 -7.12 17.58
C ILE B 153 4.52 -6.39 16.77
N ALA B 154 4.13 -5.34 16.04
CA ALA B 154 5.10 -4.56 15.26
C ALA B 154 5.71 -3.50 16.18
N VAL B 155 7.02 -3.62 16.44
CA VAL B 155 7.77 -2.76 17.36
C VAL B 155 8.91 -2.12 16.58
N SER B 156 9.07 -0.77 16.65
CA SER B 156 10.11 0.00 15.94
C SER B 156 10.01 -0.42 14.45
N TYR B 157 8.75 -0.48 13.98
CA TYR B 157 8.41 -0.97 12.67
C TYR B 157 7.89 0.12 11.75
N GLY B 158 8.18 -0.03 10.47
CA GLY B 158 7.65 0.77 9.37
C GLY B 158 7.62 -0.10 8.14
N GLY B 159 6.60 0.08 7.29
CA GLY B 159 6.48 -0.66 6.03
C GLY B 159 7.68 -0.40 5.14
N MET B 160 8.13 0.86 5.09
CA MET B 160 9.31 1.23 4.29
C MET B 160 10.57 0.54 4.79
N TRP B 161 10.82 0.56 6.14
CA TRP B 161 11.96 -0.13 6.76
C TRP B 161 11.91 -1.61 6.38
N ASP B 162 10.72 -2.23 6.47
CA ASP B 162 10.52 -3.66 6.18
C ASP B 162 10.94 -3.95 4.75
N ILE B 163 10.39 -3.18 3.81
CA ILE B 163 10.68 -3.32 2.40
C ILE B 163 12.17 -3.13 2.06
N ALA B 164 12.81 -2.08 2.63
CA ALA B 164 14.23 -1.77 2.34
C ALA B 164 15.16 -2.83 2.97
N ASN B 165 14.72 -3.40 4.10
CA ASN B 165 15.42 -4.47 4.77
C ASN B 165 15.32 -5.74 3.90
N ALA B 166 14.13 -5.99 3.29
CA ALA B 166 13.95 -7.11 2.37
C ALA B 166 14.91 -6.94 1.20
N ALA B 167 15.01 -5.69 0.65
CA ALA B 167 15.91 -5.35 -0.45
C ALA B 167 17.36 -5.56 -0.09
N LYS B 168 17.72 -5.23 1.16
CA LYS B 168 19.09 -5.41 1.67
C LYS B 168 19.46 -6.89 1.69
N GLN B 169 18.61 -7.75 2.27
CA GLN B 169 18.89 -9.19 2.36
C GLN B 169 18.99 -9.83 0.98
N VAL B 170 18.19 -9.36 0.01
CA VAL B 170 18.27 -9.84 -1.36
C VAL B 170 19.63 -9.47 -1.99
N ALA B 171 20.06 -8.22 -1.80
CA ALA B 171 21.32 -7.73 -2.34
C ALA B 171 22.53 -8.41 -1.68
N GLN B 172 22.40 -8.79 -0.40
CA GLN B 172 23.43 -9.54 0.34
C GLN B 172 23.57 -10.93 -0.30
N ALA B 173 22.44 -11.58 -0.60
CA ALA B 173 22.45 -12.89 -1.28
C ALA B 173 23.17 -12.77 -2.65
N VAL B 174 22.94 -11.67 -3.37
CA VAL B 174 23.59 -11.37 -4.65
C VAL B 174 25.13 -11.19 -4.42
N SER B 175 25.50 -10.43 -3.37
CA SER B 175 26.91 -10.17 -3.07
CA SER B 175 26.90 -10.16 -3.05
C SER B 175 27.66 -11.43 -2.69
N ARG B 176 27.00 -12.37 -1.98
CA ARG B 176 27.59 -13.63 -1.53
C ARG B 176 27.59 -14.68 -2.67
N GLY B 177 27.05 -14.32 -3.84
CA GLY B 177 26.96 -15.17 -5.02
C GLY B 177 25.89 -16.25 -4.95
N GLU B 178 24.95 -16.15 -3.98
CA GLU B 178 23.87 -17.12 -3.79
C GLU B 178 22.82 -17.02 -4.89
N ILE B 179 22.58 -15.80 -5.40
CA ILE B 179 21.61 -15.53 -6.46
C ILE B 179 22.15 -14.48 -7.42
N ASP B 180 21.66 -14.49 -8.65
CA ASP B 180 22.00 -13.46 -9.62
C ASP B 180 20.88 -12.41 -9.54
N ALA B 181 21.24 -11.10 -9.64
CA ALA B 181 20.28 -10.00 -9.59
C ALA B 181 19.19 -10.06 -10.67
N ASP B 182 19.45 -10.73 -11.81
CA ASP B 182 18.41 -10.85 -12.85
C ASP B 182 17.24 -11.76 -12.43
N GLN B 183 17.41 -12.56 -11.38
CA GLN B 183 16.35 -13.44 -10.86
C GLN B 183 15.38 -12.66 -9.95
N ILE B 184 15.70 -11.41 -9.58
CA ILE B 184 14.86 -10.64 -8.66
C ILE B 184 13.57 -10.13 -9.33
N ASN B 185 12.45 -10.68 -8.90
CA ASN B 185 11.11 -10.32 -9.35
C ASN B 185 10.22 -10.37 -8.09
N VAL B 186 8.91 -10.15 -8.24
CA VAL B 186 7.96 -10.16 -7.10
C VAL B 186 8.03 -11.49 -6.31
N ASP B 187 7.99 -12.63 -7.03
CA ASP B 187 8.04 -13.97 -6.43
CA ASP B 187 8.05 -13.97 -6.45
C ASP B 187 9.27 -14.18 -5.54
N LEU B 188 10.47 -13.72 -5.98
CA LEU B 188 11.67 -13.88 -5.15
C LEU B 188 11.65 -12.89 -3.98
N PHE B 189 11.47 -11.59 -4.30
CA PHE B 189 11.48 -10.51 -3.32
C PHE B 189 10.48 -10.66 -2.16
N GLU B 190 9.22 -11.08 -2.45
CA GLU B 190 8.17 -11.18 -1.42
C GLU B 190 8.55 -12.07 -0.22
N LYS B 191 9.36 -13.13 -0.44
CA LYS B 191 9.81 -14.08 0.59
C LYS B 191 10.60 -13.41 1.71
N TYR B 192 11.20 -12.24 1.42
CA TYR B 192 12.02 -11.46 2.35
C TYR B 192 11.26 -10.36 3.10
N VAL B 193 10.00 -10.13 2.73
CA VAL B 193 9.16 -9.14 3.40
C VAL B 193 8.61 -9.81 4.67
N SER B 194 8.49 -9.08 5.79
CA SER B 194 8.03 -9.72 7.03
CA SER B 194 7.99 -9.66 7.07
C SER B 194 6.66 -10.37 6.86
N LEU B 195 6.45 -11.49 7.60
CA LEU B 195 5.21 -12.30 7.63
C LEU B 195 4.80 -12.91 6.30
N ASN B 196 5.76 -13.16 5.43
CA ASN B 196 5.43 -13.77 4.15
C ASN B 196 4.91 -15.20 4.26
N ASP B 197 5.23 -15.90 5.36
CA ASP B 197 4.76 -17.27 5.62
C ASP B 197 3.32 -17.28 6.13
N LEU B 198 2.81 -16.15 6.61
CA LEU B 198 1.43 -16.04 7.09
C LEU B 198 0.52 -15.68 5.92
N PRO B 199 -0.83 -15.88 5.96
CA PRO B 199 -1.65 -15.42 4.81
C PRO B 199 -1.51 -13.92 4.66
N ALA B 200 -1.76 -13.40 3.45
CA ALA B 200 -1.75 -11.95 3.21
C ALA B 200 -2.76 -11.30 4.19
N VAL B 201 -2.50 -10.05 4.57
CA VAL B 201 -3.41 -9.31 5.43
C VAL B 201 -4.65 -9.02 4.58
N ASP B 202 -5.81 -9.51 5.00
CA ASP B 202 -7.03 -9.29 4.22
C ASP B 202 -7.96 -8.27 4.86
N LEU B 203 -7.73 -7.94 6.14
CA LEU B 203 -8.49 -6.90 6.83
C LEU B 203 -7.58 -6.05 7.69
N LEU B 204 -7.53 -4.74 7.41
CA LEU B 204 -6.76 -3.75 8.17
C LEU B 204 -7.74 -2.80 8.86
N ILE B 205 -7.71 -2.80 10.19
CA ILE B 205 -8.53 -1.94 11.04
C ILE B 205 -7.71 -0.75 11.51
N ARG B 206 -8.25 0.47 11.34
CA ARG B 206 -7.63 1.68 11.87
C ARG B 206 -8.63 2.38 12.81
N THR B 207 -8.30 2.43 14.12
CA THR B 207 -9.14 3.10 15.12
C THR B 207 -8.61 4.54 15.21
N GLY B 208 -9.38 5.43 15.84
CA GLY B 208 -8.94 6.80 16.03
C GLY B 208 -9.40 7.83 15.03
N GLY B 209 -10.22 7.47 14.05
CA GLY B 209 -10.78 8.43 13.10
C GLY B 209 -9.99 8.86 11.88
N ASP B 210 -8.67 8.65 11.85
CA ASP B 210 -7.85 9.03 10.67
C ASP B 210 -8.01 8.04 9.49
N PHE B 211 -7.93 8.57 8.26
CA PHE B 211 -8.03 7.76 7.03
C PHE B 211 -6.66 7.64 6.36
N ARG B 212 -5.73 6.87 6.97
CA ARG B 212 -4.35 6.67 6.50
C ARG B 212 -3.82 5.31 6.95
N ILE B 213 -2.88 4.69 6.17
CA ILE B 213 -2.23 3.40 6.47
CA ILE B 213 -2.32 3.41 6.59
C ILE B 213 -0.98 3.66 7.32
N SER B 214 -0.52 4.93 7.35
CA SER B 214 0.64 5.44 8.09
C SER B 214 1.85 4.51 8.14
N ASN B 215 2.37 4.10 6.96
CA ASN B 215 3.58 3.29 6.89
C ASN B 215 3.50 2.01 7.72
N PHE B 216 2.35 1.33 7.70
CA PHE B 216 2.20 0.07 8.42
C PHE B 216 2.49 -1.06 7.43
N LEU B 217 1.63 -2.06 7.25
CA LEU B 217 1.97 -3.20 6.40
C LEU B 217 1.66 -2.91 4.91
N LEU B 218 2.45 -2.00 4.32
CA LEU B 218 2.33 -1.54 2.93
C LEU B 218 2.24 -2.72 1.95
N TRP B 219 3.19 -3.65 2.03
CA TRP B 219 3.23 -4.81 1.16
C TRP B 219 2.17 -5.84 1.48
N GLN B 220 2.14 -6.30 2.73
CA GLN B 220 1.28 -7.38 3.22
C GLN B 220 -0.21 -7.08 3.10
N ALA B 221 -0.61 -5.79 3.24
CA ALA B 221 -2.00 -5.36 3.14
C ALA B 221 -2.34 -4.77 1.76
N ALA B 222 -1.51 -5.08 0.70
CA ALA B 222 -1.73 -4.57 -0.67
C ALA B 222 -3.19 -4.75 -1.19
N TYR B 223 -3.88 -5.83 -0.77
CA TYR B 223 -5.26 -6.12 -1.16
C TYR B 223 -6.20 -6.16 0.01
N ALA B 224 -5.73 -5.82 1.23
CA ALA B 224 -6.60 -5.87 2.39
C ALA B 224 -7.77 -4.88 2.28
N GLU B 225 -8.92 -5.31 2.77
CA GLU B 225 -10.11 -4.50 2.96
C GLU B 225 -9.74 -3.58 4.13
N LEU B 226 -10.06 -2.28 4.02
CA LEU B 226 -9.71 -1.31 5.05
C LEU B 226 -10.92 -0.90 5.85
N TYR B 227 -10.84 -1.02 7.18
CA TYR B 227 -11.93 -0.69 8.09
C TYR B 227 -11.49 0.45 8.97
N PHE B 228 -12.13 1.60 8.78
CA PHE B 228 -11.85 2.81 9.55
C PHE B 228 -12.98 3.07 10.53
N THR B 229 -12.63 3.50 11.74
CA THR B 229 -13.61 3.81 12.78
C THR B 229 -13.17 5.00 13.60
N ASP B 230 -14.14 5.81 14.05
CA ASP B 230 -13.91 6.98 14.91
C ASP B 230 -13.60 6.52 16.33
N THR B 231 -14.01 5.27 16.70
CA THR B 231 -13.76 4.67 18.02
C THR B 231 -12.28 4.77 18.35
N LEU B 232 -11.94 5.28 19.53
CA LEU B 232 -10.55 5.39 19.96
C LEU B 232 -10.13 4.02 20.47
N TRP B 233 -8.85 3.64 20.29
CA TRP B 233 -8.35 2.32 20.70
C TRP B 233 -8.75 1.91 22.15
N PRO B 234 -8.55 2.75 23.22
CA PRO B 234 -9.00 2.32 24.56
C PRO B 234 -10.48 1.95 24.70
N GLU B 235 -11.34 2.46 23.78
CA GLU B 235 -12.79 2.23 23.77
C GLU B 235 -13.22 1.13 22.79
N PHE B 236 -12.26 0.60 22.01
CA PHE B 236 -12.56 -0.42 20.99
C PHE B 236 -13.05 -1.73 21.61
N THR B 237 -14.18 -2.24 21.10
CA THR B 237 -14.84 -3.42 21.64
C THR B 237 -14.75 -4.65 20.73
N VAL B 238 -15.02 -5.83 21.32
CA VAL B 238 -15.08 -7.13 20.64
C VAL B 238 -16.31 -7.12 19.73
N GLU B 239 -17.39 -6.42 20.14
CA GLU B 239 -18.61 -6.28 19.35
C GLU B 239 -18.30 -5.57 18.03
N GLU B 240 -17.53 -4.46 18.07
CA GLU B 240 -17.14 -3.72 16.88
C GLU B 240 -16.08 -4.45 16.08
N PHE B 241 -15.14 -5.15 16.76
CA PHE B 241 -14.12 -5.97 16.10
C PHE B 241 -14.84 -7.03 15.28
N ASP B 242 -15.87 -7.69 15.88
CA ASP B 242 -16.68 -8.74 15.24
C ASP B 242 -17.47 -8.19 14.05
N HIS B 243 -17.94 -6.93 14.16
CA HIS B 243 -18.67 -6.23 13.12
C HIS B 243 -17.72 -5.99 11.92
N ALA B 244 -16.46 -5.56 12.18
CA ALA B 244 -15.45 -5.37 11.12
C ALA B 244 -15.20 -6.70 10.39
N LEU B 245 -15.16 -7.83 11.12
CA LEU B 245 -14.97 -9.18 10.54
C LEU B 245 -16.14 -9.54 9.60
N ASN B 246 -17.36 -9.17 10.01
CA ASN B 246 -18.58 -9.46 9.27
C ASN B 246 -18.76 -8.54 8.08
N VAL B 247 -18.14 -7.34 8.12
CA VAL B 247 -18.13 -6.41 6.99
C VAL B 247 -17.27 -7.06 5.90
N PHE B 248 -16.11 -7.62 6.31
CA PHE B 248 -15.20 -8.33 5.39
C PHE B 248 -15.92 -9.51 4.74
N SER B 249 -16.58 -10.38 5.54
CA SER B 249 -17.25 -11.60 5.06
C SER B 249 -18.47 -11.36 4.16
N GLY B 250 -19.07 -10.18 4.30
CA GLY B 250 -20.28 -9.79 3.59
C GLY B 250 -21.55 -10.07 4.36
N ARG B 251 -21.41 -10.56 5.62
CA ARG B 251 -22.54 -10.89 6.48
C ARG B 251 -23.23 -9.61 6.96
N GLU B 252 -22.44 -8.58 7.22
CA GLU B 252 -22.93 -7.27 7.65
C GLU B 252 -22.43 -6.21 6.70
N ARG B 253 -23.17 -5.11 6.62
CA ARG B 253 -22.83 -3.99 5.76
C ARG B 253 -22.30 -2.87 6.62
N ARG B 254 -21.47 -2.00 6.04
CA ARG B 254 -20.89 -0.82 6.68
C ARG B 254 -22.00 0.20 6.99
C10 M2K C . -9.65 1.35 -14.67
C13 M2K C . -8.59 0.26 -14.71
C22 M2K C . -11.32 -0.54 -14.27
O01 M2K C . -14.81 -1.51 -13.42
C03 M2K C . -13.53 -1.77 -13.52
O04 M2K C . -13.07 -2.89 -13.49
C05 M2K C . -12.65 -0.57 -13.71
N06 M2K C . -13.06 0.66 -13.38
N07 M2K C . -12.03 1.47 -13.75
C09 M2K C . -10.97 0.80 -14.23
C16 M2K C . -9.09 -1.03 -15.39
C19 M2K C . -10.35 -1.61 -14.75
C10 M2E D . -7.45 7.86 -18.49
C11 M2E D . -8.14 8.90 -19.11
O01 M2E D . -8.04 1.77 -18.30
C02 M2E D . -7.51 2.98 -18.83
C03 M2E D . -7.55 2.99 -20.34
C04 M2E D . -7.23 4.38 -20.90
C05 M2E D . -6.71 5.29 -19.79
N06 M2E D . -7.70 5.43 -18.70
C07 M2E D . -8.29 4.16 -18.27
C08 M2E D . -8.12 6.57 -18.14
O09 M2E D . -8.96 6.58 -17.25
C12 M2E D . -7.53 10.10 -19.40
C13 M2E D . -6.20 10.26 -19.06
CL1 M2E D . -5.41 11.78 -19.40
C15 M2E D . -5.49 9.27 -18.43
C16 M2E D . -6.12 8.07 -18.14
CA CA E . 23.23 -11.21 -14.15
#